data_1APO
#
_entry.id   1APO
#
_cell.length_a   1.000
_cell.length_b   1.000
_cell.length_c   1.000
_cell.angle_alpha   90.00
_cell.angle_beta   90.00
_cell.angle_gamma   90.00
#
_symmetry.space_group_name_H-M   'P 1'
#
loop_
_entity.id
_entity.type
_entity.pdbx_description
1 polymer 'EGF-LIKE MODULE OF BLOOD COAGULATION FACTOR X'
2 non-polymer 'HYDROXIDE ION'
#
_entity_poly.entity_id   1
_entity_poly.type   'polypeptide(L)'
_entity_poly.pdbx_seq_one_letter_code
;KDGDQCEGHPCLNQGHCKDGIGDYTCTCAEGFEGKNCEFSTR
;
_entity_poly.pdbx_strand_id   A
#
loop_
_chem_comp.id
_chem_comp.type
_chem_comp.name
_chem_comp.formula
OH non-polymer 'HYDROXIDE ION' 'H O -1'
#
# COMPACT_ATOMS: atom_id res chain seq x y z
N LYS A 1 7.25 -16.22 -11.09
CA LYS A 1 7.25 -14.95 -10.44
C LYS A 1 7.52 -13.76 -11.33
N ASP A 2 6.45 -13.00 -11.55
CA ASP A 2 6.73 -11.97 -12.53
C ASP A 2 6.65 -10.56 -11.88
N GLY A 3 5.59 -10.30 -11.08
CA GLY A 3 5.49 -8.94 -10.64
C GLY A 3 4.45 -8.84 -9.60
N ASP A 4 4.91 -8.86 -8.35
CA ASP A 4 3.89 -8.69 -7.33
C ASP A 4 3.97 -7.23 -6.75
N GLN A 5 5.04 -6.55 -7.12
CA GLN A 5 5.15 -5.15 -6.72
C GLN A 5 4.82 -5.02 -5.22
N CYS A 6 4.63 -6.17 -4.55
CA CYS A 6 4.36 -6.00 -3.10
C CYS A 6 5.58 -6.52 -2.34
N GLU A 7 6.71 -6.62 -3.02
CA GLU A 7 7.86 -7.09 -2.25
C GLU A 7 8.37 -5.96 -1.33
N GLY A 8 8.79 -6.36 -0.14
CA GLY A 8 9.30 -5.32 0.71
C GLY A 8 8.14 -4.52 1.29
N HIS A 9 7.18 -5.28 1.80
CA HIS A 9 6.09 -4.63 2.51
C HIS A 9 6.14 -3.11 2.36
N PRO A 10 5.46 -2.60 1.34
CA PRO A 10 5.58 -1.20 0.99
C PRO A 10 4.55 -0.38 1.72
N CYS A 11 3.31 -0.89 1.75
CA CYS A 11 2.31 -0.07 2.42
C CYS A 11 2.46 -0.19 3.95
N LEU A 12 2.05 0.88 4.61
CA LEU A 12 2.18 0.81 6.07
C LEU A 12 0.82 0.50 6.72
N ASN A 13 0.88 0.28 8.05
CA ASN A 13 -0.45 0.09 8.78
C ASN A 13 -1.35 -0.91 8.06
N GLN A 14 -0.86 -2.17 8.00
CA GLN A 14 -1.71 -3.18 7.47
C GLN A 14 -2.37 -2.74 6.18
N GLY A 15 -1.70 -1.82 5.45
CA GLY A 15 -2.32 -1.48 4.20
C GLY A 15 -2.09 -2.58 3.19
N HIS A 16 -3.17 -2.93 2.57
CA HIS A 16 -3.05 -3.98 1.58
C HIS A 16 -2.43 -3.40 0.29
N CYS A 17 -2.03 -4.28 -0.61
CA CYS A 17 -1.41 -3.73 -1.81
C CYS A 17 -1.73 -4.64 -3.03
N LYS A 18 -2.32 -4.04 -4.06
CA LYS A 18 -2.65 -4.94 -5.21
C LYS A 18 -1.46 -4.97 -6.18
N ASP A 19 -1.76 -4.98 -7.49
CA ASP A 19 -0.61 -5.09 -8.40
C ASP A 19 -0.92 -4.24 -9.68
N GLY A 20 0.16 -3.92 -10.43
CA GLY A 20 -0.14 -3.20 -11.68
C GLY A 20 1.10 -3.18 -12.58
N ILE A 21 0.86 -2.67 -13.78
CA ILE A 21 1.99 -2.68 -14.73
C ILE A 21 2.79 -1.42 -14.55
N GLY A 22 2.75 -0.95 -13.36
CA GLY A 22 3.56 0.23 -13.12
C GLY A 22 3.31 0.69 -11.69
N ASP A 23 4.01 -0.01 -10.79
CA ASP A 23 3.75 0.32 -9.35
C ASP A 23 2.38 -0.26 -8.92
N TYR A 24 2.37 -0.84 -7.73
CA TYR A 24 1.11 -1.38 -7.28
C TYR A 24 0.20 -0.23 -6.75
N THR A 25 -0.84 -0.57 -6.04
CA THR A 25 -1.59 0.55 -5.43
C THR A 25 -1.88 0.22 -3.98
N CYS A 26 -1.83 1.26 -3.14
CA CYS A 26 -2.04 0.93 -1.68
C CYS A 26 -3.53 1.01 -1.34
N THR A 27 -3.96 0.12 -0.46
CA THR A 27 -5.38 0.23 -0.02
C THR A 27 -5.39 0.37 1.51
N CYS A 28 -5.71 1.57 1.97
CA CYS A 28 -5.60 1.75 3.46
C CYS A 28 -6.84 1.15 4.15
N ALA A 29 -6.61 0.51 5.29
CA ALA A 29 -7.76 -0.02 5.94
C ALA A 29 -8.64 1.13 6.44
N GLU A 30 -9.89 0.80 6.78
CA GLU A 30 -10.70 1.90 7.27
C GLU A 30 -9.97 2.59 8.43
N GLY A 31 -9.59 3.87 8.20
CA GLY A 31 -8.96 4.55 9.33
C GLY A 31 -7.48 4.84 9.08
N PHE A 32 -7.08 4.67 7.78
CA PHE A 32 -5.68 5.05 7.50
C PHE A 32 -5.59 5.72 6.17
N GLU A 33 -4.59 6.56 6.01
CA GLU A 33 -4.47 7.14 4.65
C GLU A 33 -2.99 7.56 4.43
N GLY A 34 -2.79 8.66 3.65
CA GLY A 34 -1.36 9.04 3.51
C GLY A 34 -0.79 8.27 2.34
N LYS A 35 0.41 8.68 1.95
CA LYS A 35 0.96 8.00 0.74
C LYS A 35 1.05 6.50 0.97
N ASN A 36 1.26 6.13 2.22
CA ASN A 36 1.43 4.69 2.45
C ASN A 36 0.21 4.09 3.17
N CYS A 37 -0.92 4.77 3.13
CA CYS A 37 -1.94 4.39 4.14
C CYS A 37 -1.30 4.63 5.50
N GLU A 38 -0.38 5.58 5.50
CA GLU A 38 0.28 5.84 6.77
C GLU A 38 -0.71 6.35 7.88
N PHE A 39 -1.59 7.32 7.56
CA PHE A 39 -1.96 8.10 8.67
C PHE A 39 -3.27 7.70 9.27
N SER A 40 -3.29 7.60 10.61
CA SER A 40 -4.57 7.22 11.20
C SER A 40 -5.50 8.46 11.27
N THR A 41 -6.49 8.48 10.39
CA THR A 41 -7.39 9.65 10.44
C THR A 41 -7.81 9.94 11.90
N ARG A 42 -8.14 8.89 12.63
CA ARG A 42 -8.55 9.18 13.99
C ARG A 42 -7.35 9.73 14.81
O OH B . -1.59 -6.81 -9.69
HO OH B . -1.54 -7.70 -10.00
N LYS A 1 14.55 -9.12 -12.84
CA LYS A 1 13.64 -8.09 -12.14
C LYS A 1 12.45 -7.85 -13.06
N ASP A 2 11.25 -8.14 -12.49
CA ASP A 2 10.07 -7.88 -13.38
C ASP A 2 9.13 -6.92 -12.74
N GLY A 3 9.13 -6.88 -11.41
CA GLY A 3 8.25 -5.84 -10.84
C GLY A 3 8.32 -5.96 -9.32
N ASP A 4 9.05 -5.02 -8.69
CA ASP A 4 9.02 -5.03 -7.23
C ASP A 4 8.00 -4.01 -6.66
N GLN A 5 6.79 -4.11 -7.14
CA GLN A 5 5.82 -3.07 -6.67
C GLN A 5 5.21 -3.51 -5.31
N CYS A 6 5.19 -4.82 -5.07
CA CYS A 6 4.61 -5.23 -3.76
C CYS A 6 5.38 -6.42 -3.19
N GLU A 7 6.58 -6.62 -3.67
CA GLU A 7 7.33 -7.78 -3.12
C GLU A 7 7.97 -7.43 -1.78
N GLY A 8 7.82 -6.19 -1.36
CA GLY A 8 8.49 -5.89 -0.10
C GLY A 8 7.54 -5.24 0.86
N HIS A 9 6.23 -5.42 0.58
CA HIS A 9 5.27 -4.81 1.55
C HIS A 9 5.64 -3.31 1.78
N PRO A 10 5.06 -2.41 0.97
CA PRO A 10 5.42 -1.00 1.00
C PRO A 10 4.40 -0.22 1.82
N CYS A 11 3.18 -0.73 1.89
CA CYS A 11 2.16 0.10 2.62
C CYS A 11 2.34 -0.05 4.15
N LEU A 12 2.17 1.04 4.84
CA LEU A 12 2.35 0.97 6.29
C LEU A 12 1.01 0.57 6.97
N ASN A 13 1.10 0.42 8.29
CA ASN A 13 -0.08 0.02 9.09
C ASN A 13 -0.83 -1.10 8.39
N GLN A 14 -0.14 -2.19 8.14
CA GLN A 14 -0.85 -3.28 7.61
C GLN A 14 -1.75 -2.87 6.41
N GLY A 15 -1.34 -1.84 5.67
CA GLY A 15 -2.18 -1.55 4.52
C GLY A 15 -2.08 -2.65 3.45
N HIS A 16 -2.77 -2.36 2.37
CA HIS A 16 -2.81 -3.41 1.29
C HIS A 16 -1.99 -2.93 0.09
N CYS A 17 -1.36 -3.88 -0.61
CA CYS A 17 -0.68 -3.41 -1.86
C CYS A 17 -1.13 -4.29 -3.02
N LYS A 18 -1.94 -3.73 -3.90
CA LYS A 18 -2.35 -4.59 -5.05
C LYS A 18 -1.38 -4.37 -6.20
N ASP A 19 -0.77 -5.47 -6.61
CA ASP A 19 0.19 -5.28 -7.72
C ASP A 19 -0.57 -5.21 -9.07
N GLY A 20 0.04 -4.52 -10.04
CA GLY A 20 -0.60 -4.53 -11.35
C GLY A 20 0.27 -3.74 -12.36
N ILE A 21 -0.07 -2.41 -12.47
CA ILE A 21 0.77 -1.58 -13.34
C ILE A 21 2.20 -1.47 -12.78
N GLY A 22 3.09 -0.85 -13.54
CA GLY A 22 4.43 -0.80 -12.93
C GLY A 22 4.39 -0.21 -11.52
N ASP A 23 3.32 0.54 -11.28
CA ASP A 23 3.16 0.99 -9.89
C ASP A 23 2.00 0.21 -9.26
N TYR A 24 2.24 -0.24 -8.02
CA TYR A 24 1.15 -0.96 -7.37
C TYR A 24 0.11 0.03 -6.88
N THR A 25 -0.80 -0.44 -6.03
CA THR A 25 -1.66 0.63 -5.45
C THR A 25 -1.80 0.37 -3.96
N CYS A 26 -1.62 1.44 -3.17
CA CYS A 26 -1.75 1.19 -1.73
C CYS A 26 -3.19 1.39 -1.31
N THR A 27 -3.86 0.31 -0.94
CA THR A 27 -5.22 0.54 -0.48
C THR A 27 -5.22 0.60 1.05
N CYS A 28 -5.62 1.73 1.62
CA CYS A 28 -5.45 1.78 3.11
C CYS A 28 -6.66 1.22 3.77
N ALA A 29 -6.48 0.75 5.02
CA ALA A 29 -7.67 0.26 5.67
C ALA A 29 -8.47 1.40 6.21
N GLU A 30 -9.62 1.06 6.75
CA GLU A 30 -10.42 2.14 7.25
C GLU A 30 -9.64 2.92 8.33
N GLY A 31 -9.67 4.26 8.23
CA GLY A 31 -8.90 5.02 9.27
C GLY A 31 -7.41 5.02 8.92
N PHE A 32 -7.15 4.87 7.64
CA PHE A 32 -5.76 5.08 7.25
C PHE A 32 -5.72 5.76 5.93
N GLU A 33 -4.79 6.68 5.81
CA GLU A 33 -4.77 7.43 4.51
C GLU A 33 -3.33 7.73 4.15
N GLY A 34 -3.20 8.50 3.12
CA GLY A 34 -1.83 8.77 2.70
C GLY A 34 -1.35 7.72 1.71
N LYS A 35 -0.16 7.98 1.16
CA LYS A 35 0.34 6.99 0.22
C LYS A 35 0.59 5.67 0.94
N ASN A 36 1.24 5.77 2.05
CA ASN A 36 1.47 4.53 2.75
C ASN A 36 0.22 4.12 3.51
N CYS A 37 -0.69 5.08 3.71
CA CYS A 37 -1.71 4.79 4.73
C CYS A 37 -1.14 5.22 6.11
N GLU A 38 -0.11 6.07 6.05
CA GLU A 38 0.51 6.45 7.28
C GLU A 38 -0.50 7.06 8.26
N PHE A 39 -1.54 7.69 7.72
CA PHE A 39 -2.44 8.38 8.71
C PHE A 39 -3.35 7.37 9.37
N SER A 40 -3.93 7.76 10.49
CA SER A 40 -4.96 6.89 10.98
C SER A 40 -6.27 7.70 11.09
N THR A 41 -6.39 8.69 10.20
CA THR A 41 -7.61 9.61 10.33
C THR A 41 -7.86 10.01 11.78
N ARG A 42 -6.86 9.87 12.56
CA ARG A 42 -7.02 10.37 13.94
C ARG A 42 -7.65 11.82 13.93
O OH B . 0.16 -7.61 -7.94
HO OH B . -0.32 -7.46 -8.77
N LYS A 1 11.53 -11.69 -7.42
CA LYS A 1 12.46 -12.05 -8.40
C LYS A 1 12.54 -11.00 -9.58
N ASP A 2 11.33 -10.52 -9.88
CA ASP A 2 11.27 -9.51 -10.92
C ASP A 2 10.00 -8.60 -10.73
N GLY A 3 10.25 -7.36 -10.32
CA GLY A 3 9.04 -6.57 -10.09
C GLY A 3 8.47 -6.84 -8.72
N ASP A 4 8.90 -5.98 -7.83
CA ASP A 4 8.44 -6.25 -6.41
C ASP A 4 7.45 -5.17 -6.03
N GLN A 5 6.37 -5.10 -6.82
CA GLN A 5 5.45 -4.01 -6.50
C GLN A 5 4.70 -4.33 -5.18
N CYS A 6 4.39 -5.60 -4.95
CA CYS A 6 3.66 -5.86 -3.69
C CYS A 6 4.57 -6.61 -2.69
N GLU A 7 5.67 -7.15 -3.18
CA GLU A 7 6.49 -7.86 -2.20
C GLU A 7 7.24 -6.83 -1.33
N GLY A 8 7.41 -7.17 -0.05
CA GLY A 8 8.21 -6.23 0.74
C GLY A 8 7.34 -5.14 1.32
N HIS A 9 6.21 -5.61 1.81
CA HIS A 9 5.34 -4.67 2.49
C HIS A 9 5.82 -3.23 2.26
N PRO A 10 5.27 -2.60 1.21
CA PRO A 10 5.67 -1.23 0.88
C PRO A 10 4.69 -0.25 1.53
N CYS A 11 3.42 -0.62 1.49
CA CYS A 11 2.51 0.29 2.21
C CYS A 11 2.67 0.10 3.72
N LEU A 12 2.44 1.21 4.42
CA LEU A 12 2.73 1.14 5.87
C LEU A 12 1.51 0.64 6.62
N ASN A 13 1.68 0.56 7.95
CA ASN A 13 0.51 0.14 8.81
C ASN A 13 -0.26 -1.01 8.19
N GLN A 14 0.50 -1.94 7.60
CA GLN A 14 -0.15 -3.03 7.02
C GLN A 14 -1.22 -2.59 6.03
N GLY A 15 -1.01 -1.45 5.49
CA GLY A 15 -1.93 -1.15 4.42
C GLY A 15 -1.73 -2.17 3.33
N HIS A 16 -2.53 -2.01 2.34
CA HIS A 16 -2.60 -3.09 1.39
C HIS A 16 -1.90 -2.65 0.11
N CYS A 17 -1.39 -3.63 -0.65
CA CYS A 17 -0.70 -3.20 -1.91
C CYS A 17 -1.19 -4.08 -3.06
N LYS A 18 -2.22 -3.58 -3.77
CA LYS A 18 -2.67 -4.38 -4.94
C LYS A 18 -1.70 -4.18 -6.11
N ASP A 19 -1.54 -5.23 -6.91
CA ASP A 19 -0.52 -5.09 -7.97
C ASP A 19 -1.19 -4.64 -9.27
N GLY A 20 -0.38 -4.06 -10.15
CA GLY A 20 -1.01 -3.60 -11.38
C GLY A 20 0.04 -3.07 -12.33
N ILE A 21 0.13 -1.70 -12.33
CA ILE A 21 1.23 -1.15 -13.11
C ILE A 21 2.56 -1.62 -12.46
N GLY A 22 3.67 -1.38 -13.16
CA GLY A 22 4.92 -1.78 -12.47
C GLY A 22 4.99 -1.16 -11.08
N ASP A 23 4.17 -0.10 -10.93
CA ASP A 23 3.98 0.43 -9.59
C ASP A 23 2.64 -0.09 -9.08
N TYR A 24 2.62 -0.46 -7.83
CA TYR A 24 1.36 -1.04 -7.31
C TYR A 24 0.46 0.13 -6.90
N THR A 25 -0.53 -0.18 -6.09
CA THR A 25 -1.33 0.94 -5.57
C THR A 25 -1.67 0.65 -4.14
N CYS A 26 -1.65 1.69 -3.34
CA CYS A 26 -1.83 1.40 -1.89
C CYS A 26 -3.29 1.56 -1.50
N THR A 27 -3.93 0.44 -1.11
CA THR A 27 -5.27 0.63 -0.60
C THR A 27 -5.22 0.65 0.93
N CYS A 28 -5.64 1.73 1.53
CA CYS A 28 -5.54 1.70 2.98
C CYS A 28 -6.88 1.23 3.56
N ALA A 29 -6.82 0.50 4.70
CA ALA A 29 -8.10 0.13 5.25
C ALA A 29 -8.71 1.33 5.93
N GLU A 30 -10.03 1.24 6.21
CA GLU A 30 -10.61 2.37 6.95
C GLU A 30 -9.80 2.58 8.21
N GLY A 31 -9.47 3.86 8.50
CA GLY A 31 -8.56 4.02 9.65
C GLY A 31 -7.15 4.21 9.19
N PHE A 32 -6.98 3.94 7.96
CA PHE A 32 -5.72 4.39 7.44
C PHE A 32 -5.96 5.23 6.18
N GLU A 33 -5.10 6.19 5.99
CA GLU A 33 -5.31 6.95 4.76
C GLU A 33 -3.98 7.53 4.25
N GLY A 34 -4.01 8.08 3.07
CA GLY A 34 -2.73 8.59 2.65
C GLY A 34 -2.14 7.75 1.53
N LYS A 35 -0.93 8.13 1.18
CA LYS A 35 -0.30 7.27 0.16
C LYS A 35 0.13 5.99 0.78
N ASN A 36 0.99 6.07 1.70
CA ASN A 36 1.32 4.77 2.37
C ASN A 36 0.20 4.33 3.38
N CYS A 37 -0.80 5.22 3.55
CA CYS A 37 -1.73 4.96 4.64
C CYS A 37 -1.09 5.48 5.92
N GLU A 38 -0.09 6.33 5.74
CA GLU A 38 0.61 6.78 6.94
C GLU A 38 -0.35 7.34 8.01
N PHE A 39 -1.50 7.76 7.62
CA PHE A 39 -2.39 8.18 8.69
C PHE A 39 -3.02 6.96 9.34
N SER A 40 -3.36 7.14 10.58
CA SER A 40 -4.27 6.12 11.11
C SER A 40 -5.56 6.87 11.56
N THR A 41 -6.00 7.84 10.67
CA THR A 41 -7.22 8.65 11.04
C THR A 41 -7.21 9.02 12.46
N ARG A 42 -6.07 9.50 12.82
CA ARG A 42 -5.96 9.78 14.27
C ARG A 42 -6.41 8.57 15.04
O OH B . -1.05 -7.34 -8.40
HO OH B . -0.77 -8.14 -8.84
N LYS A 1 3.62 -8.60 -16.30
CA LYS A 1 4.16 -9.56 -15.24
C LYS A 1 4.45 -8.74 -13.97
N ASP A 2 4.48 -9.57 -12.80
CA ASP A 2 4.62 -8.90 -11.53
C ASP A 2 6.07 -8.28 -11.46
N GLY A 3 6.33 -7.48 -10.47
CA GLY A 3 7.76 -7.06 -10.38
C GLY A 3 8.15 -6.84 -8.96
N ASP A 4 8.65 -5.63 -8.71
CA ASP A 4 8.95 -5.31 -7.29
C ASP A 4 7.87 -4.33 -6.83
N GLN A 5 6.62 -4.53 -7.26
CA GLN A 5 5.65 -3.50 -6.89
C GLN A 5 4.91 -3.93 -5.58
N CYS A 6 5.26 -5.12 -5.09
CA CYS A 6 4.46 -5.52 -3.93
C CYS A 6 5.33 -6.37 -3.04
N GLU A 7 6.30 -5.76 -2.47
CA GLU A 7 7.12 -6.57 -1.57
C GLU A 7 6.22 -7.02 -0.35
N GLY A 8 6.83 -7.77 0.54
CA GLY A 8 5.98 -8.18 1.70
C GLY A 8 5.61 -6.99 2.59
N HIS A 9 6.05 -5.81 2.12
CA HIS A 9 5.70 -4.64 2.91
C HIS A 9 6.13 -3.38 2.16
N PRO A 10 5.19 -2.75 1.42
CA PRO A 10 5.51 -1.47 0.77
C PRO A 10 4.70 -0.38 1.45
N CYS A 11 3.42 -0.66 1.65
CA CYS A 11 2.64 0.41 2.25
C CYS A 11 2.87 0.39 3.76
N LEU A 12 2.65 1.54 4.41
CA LEU A 12 2.92 1.53 5.86
C LEU A 12 1.65 1.12 6.60
N ASN A 13 1.83 1.00 7.91
CA ASN A 13 0.62 0.71 8.76
C ASN A 13 -0.07 -0.58 8.27
N GLN A 14 0.73 -1.58 7.97
CA GLN A 14 0.12 -2.77 7.52
C GLN A 14 -0.92 -2.52 6.51
N GLY A 15 -0.73 -1.51 5.68
CA GLY A 15 -1.80 -1.34 4.66
C GLY A 15 -1.82 -2.57 3.73
N HIS A 16 -2.60 -2.38 2.68
CA HIS A 16 -2.70 -3.52 1.75
C HIS A 16 -1.93 -3.21 0.46
N CYS A 17 -1.63 -4.26 -0.34
CA CYS A 17 -0.94 -3.92 -1.56
C CYS A 17 -1.45 -4.84 -2.66
N LYS A 18 -1.57 -4.29 -3.87
CA LYS A 18 -1.91 -5.21 -5.00
C LYS A 18 -0.82 -5.09 -6.08
N ASP A 19 -1.21 -5.19 -7.34
CA ASP A 19 -0.11 -5.13 -8.33
C ASP A 19 -0.54 -4.29 -9.56
N GLY A 20 0.44 -3.70 -10.21
CA GLY A 20 0.03 -2.93 -11.41
C GLY A 20 1.25 -2.46 -12.18
N ILE A 21 1.06 -2.34 -13.51
CA ILE A 21 2.26 -1.98 -14.30
C ILE A 21 2.76 -0.60 -13.90
N GLY A 22 4.07 -0.51 -13.80
CA GLY A 22 4.61 0.85 -13.44
C GLY A 22 4.44 1.13 -11.94
N ASP A 23 3.40 0.53 -11.36
CA ASP A 23 3.14 0.85 -9.92
C ASP A 23 1.97 0.02 -9.39
N TYR A 24 2.13 -0.42 -8.15
CA TYR A 24 1.03 -1.22 -7.60
C TYR A 24 -0.08 -0.25 -7.08
N THR A 25 -1.02 -0.80 -6.27
CA THR A 25 -1.95 0.13 -5.69
C THR A 25 -2.08 -0.12 -4.22
N CYS A 26 -2.07 0.98 -3.44
CA CYS A 26 -2.19 0.71 -1.95
C CYS A 26 -3.62 0.80 -1.54
N THR A 27 -4.02 -0.08 -0.62
CA THR A 27 -5.41 0.10 -0.13
C THR A 27 -5.35 0.22 1.42
N CYS A 28 -5.59 1.42 1.91
CA CYS A 28 -5.46 1.56 3.36
C CYS A 28 -6.74 1.09 4.02
N ALA A 29 -6.61 0.44 5.18
CA ALA A 29 -7.84 0.04 5.82
C ALA A 29 -8.54 1.29 6.43
N GLU A 30 -9.79 1.13 6.78
CA GLU A 30 -10.45 2.29 7.35
C GLU A 30 -9.59 2.88 8.47
N GLY A 31 -9.59 4.21 8.56
CA GLY A 31 -8.73 4.75 9.63
C GLY A 31 -7.28 4.80 9.18
N PHE A 32 -7.08 4.62 7.89
CA PHE A 32 -5.73 4.90 7.40
C PHE A 32 -5.84 5.59 6.06
N GLU A 33 -4.93 6.54 5.82
CA GLU A 33 -5.07 7.28 4.54
C GLU A 33 -3.71 7.62 4.00
N GLY A 34 -3.70 8.40 2.92
CA GLY A 34 -2.39 8.65 2.35
C GLY A 34 -2.04 7.55 1.38
N LYS A 35 -0.92 7.75 0.71
CA LYS A 35 -0.54 6.68 -0.22
C LYS A 35 -0.08 5.46 0.54
N ASN A 36 0.69 5.70 1.57
CA ASN A 36 1.17 4.55 2.33
C ASN A 36 0.11 4.12 3.34
N CYS A 37 -0.97 4.88 3.43
CA CYS A 37 -1.80 4.63 4.63
C CYS A 37 -1.04 5.15 5.86
N GLU A 38 -0.15 6.15 5.57
CA GLU A 38 0.64 6.66 6.70
C GLU A 38 -0.26 7.29 7.73
N PHE A 39 -1.43 7.76 7.29
CA PHE A 39 -2.26 8.44 8.30
C PHE A 39 -2.97 7.41 9.15
N SER A 40 -3.69 7.92 10.15
CA SER A 40 -4.53 7.00 10.90
C SER A 40 -5.87 7.71 11.21
N THR A 41 -6.22 8.62 10.33
CA THR A 41 -7.47 9.43 10.61
C THR A 41 -7.53 9.80 12.08
N ARG A 42 -6.36 9.96 12.63
CA ARG A 42 -6.35 10.43 14.02
C ARG A 42 -7.02 11.84 14.08
O OH B . -0.96 -6.93 -9.57
HO OH B . -1.60 -7.35 -9.01
N LYS A 1 16.33 -8.88 -10.98
CA LYS A 1 15.54 -8.12 -10.08
C LYS A 1 14.71 -7.17 -10.89
N ASP A 2 13.40 -7.61 -11.08
CA ASP A 2 12.55 -6.65 -11.94
C ASP A 2 11.10 -6.76 -11.41
N GLY A 3 10.37 -5.64 -11.40
CA GLY A 3 9.03 -5.68 -10.85
C GLY A 3 9.12 -5.70 -9.29
N ASP A 4 8.85 -4.62 -8.78
CA ASP A 4 8.92 -4.56 -7.26
C ASP A 4 7.68 -3.77 -6.75
N GLN A 5 6.54 -4.21 -7.15
CA GLN A 5 5.41 -3.35 -6.78
C GLN A 5 4.75 -3.90 -5.51
N CYS A 6 5.18 -5.07 -5.08
CA CYS A 6 4.47 -5.59 -3.87
C CYS A 6 5.47 -6.18 -2.89
N GLU A 7 6.31 -5.30 -2.40
CA GLU A 7 7.25 -5.80 -1.42
C GLU A 7 6.49 -6.45 -0.26
N GLY A 8 7.21 -7.24 0.55
CA GLY A 8 6.44 -7.82 1.64
C GLY A 8 5.77 -6.74 2.49
N HIS A 9 6.20 -5.50 2.28
CA HIS A 9 5.53 -4.43 3.04
C HIS A 9 6.02 -3.02 2.52
N PRO A 10 5.26 -2.44 1.58
CA PRO A 10 5.63 -1.12 1.03
C PRO A 10 4.86 -0.01 1.74
N CYS A 11 3.61 -0.28 2.04
CA CYS A 11 2.85 0.84 2.70
C CYS A 11 2.85 0.62 4.21
N LEU A 12 2.70 1.71 4.93
CA LEU A 12 2.71 1.52 6.37
C LEU A 12 1.38 0.89 6.87
N ASN A 13 1.35 0.62 8.17
CA ASN A 13 0.07 0.13 8.78
C ASN A 13 -0.51 -0.96 7.93
N GLN A 14 0.31 -2.00 7.63
CA GLN A 14 -0.26 -3.09 6.97
C GLN A 14 -1.08 -2.59 5.69
N GLY A 15 -0.71 -1.43 5.13
CA GLY A 15 -1.42 -1.06 3.94
C GLY A 15 -1.10 -2.09 2.85
N HIS A 16 -2.18 -2.54 2.26
CA HIS A 16 -2.01 -3.61 1.31
C HIS A 16 -1.54 -3.03 -0.03
N CYS A 17 -1.23 -3.94 -0.99
CA CYS A 17 -0.80 -3.35 -2.24
C CYS A 17 -1.41 -4.15 -3.37
N LYS A 18 -2.25 -3.51 -4.15
CA LYS A 18 -2.83 -4.31 -5.24
C LYS A 18 -1.91 -4.16 -6.44
N ASP A 19 -1.37 -5.28 -6.89
CA ASP A 19 -0.42 -5.17 -8.00
C ASP A 19 -1.18 -5.01 -9.31
N GLY A 20 -0.51 -4.43 -10.30
CA GLY A 20 -1.25 -4.35 -11.56
C GLY A 20 -0.32 -3.75 -12.62
N ILE A 21 -0.35 -2.39 -12.65
CA ILE A 21 0.55 -1.75 -13.60
C ILE A 21 2.02 -1.91 -13.14
N GLY A 22 2.97 -1.31 -13.86
CA GLY A 22 4.36 -1.40 -13.35
C GLY A 22 4.44 -0.80 -11.93
N ASP A 23 3.34 -0.06 -11.59
CA ASP A 23 3.32 0.46 -10.20
C ASP A 23 2.09 -0.12 -9.54
N TYR A 24 2.22 -0.40 -8.30
CA TYR A 24 1.04 -0.98 -7.66
C TYR A 24 0.11 0.16 -7.19
N THR A 25 -0.78 -0.17 -6.28
CA THR A 25 -1.51 0.92 -5.65
C THR A 25 -1.67 0.64 -4.15
N CYS A 26 -1.47 1.66 -3.36
CA CYS A 26 -1.58 1.36 -1.92
C CYS A 26 -3.05 1.30 -1.55
N THR A 27 -3.41 0.34 -0.76
CA THR A 27 -4.78 0.33 -0.32
C THR A 27 -4.78 0.41 1.22
N CYS A 28 -5.33 1.51 1.75
CA CYS A 28 -5.19 1.63 3.20
C CYS A 28 -6.29 0.87 3.87
N ALA A 29 -5.97 0.19 4.94
CA ALA A 29 -7.05 -0.49 5.61
C ALA A 29 -8.03 0.52 6.17
N GLU A 30 -9.18 0.02 6.60
CA GLU A 30 -10.13 0.98 7.12
C GLU A 30 -9.51 1.79 8.24
N GLY A 31 -9.44 3.10 8.05
CA GLY A 31 -8.89 3.87 9.16
C GLY A 31 -7.42 4.20 8.93
N PHE A 32 -7.06 4.20 7.64
CA PHE A 32 -5.71 4.67 7.38
C PHE A 32 -5.65 5.40 6.03
N GLU A 33 -4.75 6.38 5.94
CA GLU A 33 -4.58 6.97 4.61
C GLU A 33 -3.18 7.60 4.48
N GLY A 34 -3.04 8.69 3.74
CA GLY A 34 -1.63 9.26 3.73
C GLY A 34 -0.82 8.58 2.65
N LYS A 35 0.34 9.17 2.39
CA LYS A 35 1.12 8.60 1.28
C LYS A 35 1.33 7.09 1.55
N ASN A 36 1.53 6.77 2.81
CA ASN A 36 1.79 5.36 3.08
C ASN A 36 0.55 4.65 3.64
N CYS A 37 -0.62 5.14 3.24
CA CYS A 37 -1.78 4.72 4.06
C CYS A 37 -1.43 5.01 5.51
N GLU A 38 -0.52 5.97 5.68
CA GLU A 38 -0.10 6.26 7.03
C GLU A 38 -1.28 6.61 7.95
N PHE A 39 -2.08 7.58 7.58
CA PHE A 39 -2.62 8.28 8.65
C PHE A 39 -3.96 7.68 9.13
N SER A 40 -4.14 7.62 10.43
CA SER A 40 -5.32 6.86 10.89
C SER A 40 -6.59 7.77 10.90
N THR A 41 -6.91 8.30 9.73
CA THR A 41 -8.14 9.16 9.72
C THR A 41 -8.29 9.98 11.00
N ARG A 42 -7.14 10.26 11.57
CA ARG A 42 -7.19 11.11 12.74
C ARG A 42 -5.79 11.71 12.97
O OH B . -0.63 -7.53 -8.20
HO OH B . -1.19 -7.49 -7.43
N LYS A 1 6.01 -9.61 -17.21
CA LYS A 1 4.77 -9.91 -16.47
C LYS A 1 5.19 -10.28 -15.05
N ASP A 2 6.45 -10.20 -14.78
CA ASP A 2 6.78 -10.67 -13.40
C ASP A 2 6.81 -9.43 -12.47
N GLY A 3 6.12 -9.47 -11.48
CA GLY A 3 6.12 -8.23 -10.67
C GLY A 3 5.05 -8.22 -9.65
N ASP A 4 5.50 -8.26 -8.39
CA ASP A 4 4.49 -8.26 -7.32
C ASP A 4 4.41 -6.88 -6.69
N GLN A 5 5.46 -6.05 -6.93
CA GLN A 5 5.42 -4.71 -6.35
C GLN A 5 4.93 -4.66 -4.92
N CYS A 6 4.71 -5.81 -4.35
CA CYS A 6 4.26 -5.77 -2.95
C CYS A 6 5.31 -6.45 -2.05
N GLU A 7 6.38 -6.93 -2.67
CA GLU A 7 7.30 -7.70 -1.83
C GLU A 7 8.24 -6.73 -1.07
N GLY A 8 8.16 -5.45 -1.42
CA GLY A 8 9.09 -4.56 -0.70
C GLY A 8 8.40 -3.90 0.49
N HIS A 9 7.28 -4.49 0.92
CA HIS A 9 6.56 -3.84 2.03
C HIS A 9 6.49 -2.30 1.79
N PRO A 10 5.48 -1.86 1.01
CA PRO A 10 5.38 -0.45 0.66
C PRO A 10 4.39 0.27 1.59
N CYS A 11 3.31 -0.40 1.94
CA CYS A 11 2.33 0.33 2.74
C CYS A 11 2.53 0.02 4.24
N LEU A 12 2.19 0.99 5.07
CA LEU A 12 2.38 0.72 6.49
C LEU A 12 1.03 0.40 7.16
N ASN A 13 1.11 0.06 8.46
CA ASN A 13 -0.16 -0.12 9.18
C ASN A 13 -1.04 -1.18 8.52
N GLN A 14 -0.40 -2.30 8.21
CA GLN A 14 -1.17 -3.40 7.70
C GLN A 14 -2.10 -2.90 6.56
N GLY A 15 -1.59 -1.93 5.77
CA GLY A 15 -2.42 -1.60 4.63
C GLY A 15 -2.40 -2.71 3.60
N HIS A 16 -2.80 -2.34 2.39
CA HIS A 16 -2.86 -3.42 1.39
C HIS A 16 -2.26 -2.96 0.10
N CYS A 17 -2.16 -3.87 -0.88
CA CYS A 17 -1.50 -3.38 -2.10
C CYS A 17 -2.01 -4.21 -3.30
N LYS A 18 -2.29 -3.51 -4.40
CA LYS A 18 -2.69 -4.31 -5.60
C LYS A 18 -1.63 -4.13 -6.70
N ASP A 19 -1.21 -5.25 -7.31
CA ASP A 19 -0.13 -5.08 -8.30
C ASP A 19 -0.73 -4.51 -9.59
N GLY A 20 0.12 -3.90 -10.42
CA GLY A 20 -0.50 -3.40 -11.70
C GLY A 20 0.51 -3.37 -12.81
N ILE A 21 1.37 -4.42 -12.79
CA ILE A 21 2.43 -4.45 -13.82
C ILE A 21 2.92 -3.04 -14.10
N GLY A 22 2.95 -2.32 -13.03
CA GLY A 22 3.45 -0.94 -13.20
C GLY A 22 3.03 -0.09 -12.01
N ASP A 23 3.89 -0.18 -10.98
CA ASP A 23 3.55 0.59 -9.76
C ASP A 23 2.31 0.00 -9.13
N TYR A 24 2.49 -0.49 -7.95
CA TYR A 24 1.28 -1.04 -7.32
C TYR A 24 0.39 0.16 -6.80
N THR A 25 -0.62 -0.18 -6.03
CA THR A 25 -1.40 0.94 -5.46
C THR A 25 -1.75 0.61 -4.02
N CYS A 26 -1.50 1.60 -3.16
CA CYS A 26 -1.70 1.26 -1.74
C CYS A 26 -3.20 1.35 -1.39
N THR A 27 -3.73 0.30 -0.80
CA THR A 27 -5.14 0.46 -0.37
C THR A 27 -5.17 0.57 1.14
N CYS A 28 -5.48 1.77 1.64
CA CYS A 28 -5.49 1.87 3.10
C CYS A 28 -6.88 1.44 3.63
N ALA A 29 -6.88 0.77 4.77
CA ALA A 29 -8.15 0.37 5.29
C ALA A 29 -8.89 1.58 5.86
N GLU A 30 -10.15 1.38 6.22
CA GLU A 30 -10.83 2.52 6.83
C GLU A 30 -10.00 3.07 8.00
N GLY A 31 -9.73 4.36 7.97
CA GLY A 31 -8.98 4.86 9.16
C GLY A 31 -7.48 4.77 8.92
N PHE A 32 -7.15 4.68 7.63
CA PHE A 32 -5.72 4.91 7.33
C PHE A 32 -5.63 5.72 6.04
N GLU A 33 -4.63 6.58 5.97
CA GLU A 33 -4.59 7.44 4.76
C GLU A 33 -3.14 7.71 4.39
N GLY A 34 -2.93 8.68 3.50
CA GLY A 34 -1.55 8.84 3.09
C GLY A 34 -1.19 7.77 2.06
N LYS A 35 -0.04 7.97 1.45
CA LYS A 35 0.30 6.96 0.43
C LYS A 35 0.59 5.63 1.10
N ASN A 36 1.22 5.71 2.24
CA ASN A 36 1.51 4.45 2.93
C ASN A 36 0.31 3.93 3.69
N CYS A 37 -0.69 4.81 3.90
CA CYS A 37 -1.65 4.44 4.96
C CYS A 37 -0.98 4.74 6.32
N GLU A 38 0.07 5.60 6.26
CA GLU A 38 0.77 5.91 7.53
C GLU A 38 -0.21 6.54 8.54
N PHE A 39 -1.20 7.27 8.01
CA PHE A 39 -2.09 7.93 8.98
C PHE A 39 -3.08 6.94 9.52
N SER A 40 -3.64 7.32 10.67
CA SER A 40 -4.77 6.49 11.12
C SER A 40 -5.99 7.42 11.31
N THR A 41 -6.12 8.41 10.38
CA THR A 41 -7.20 9.41 10.60
C THR A 41 -7.32 9.79 12.08
N ARG A 42 -6.23 9.52 12.76
CA ARG A 42 -6.23 9.95 14.12
C ARG A 42 -4.82 9.88 14.69
O OH B . -0.65 -7.23 -9.00
HO OH B . -1.42 -6.97 -8.49
N LYS A 1 10.36 -5.42 -17.40
CA LYS A 1 11.67 -5.81 -16.90
C LYS A 1 11.83 -5.47 -15.45
N ASP A 2 11.42 -4.11 -15.13
CA ASP A 2 11.48 -3.77 -13.75
C ASP A 2 10.14 -4.14 -13.08
N GLY A 3 10.14 -4.19 -11.74
CA GLY A 3 8.83 -4.55 -11.14
C GLY A 3 8.93 -4.58 -9.62
N ASP A 4 8.73 -5.79 -9.07
CA ASP A 4 8.82 -5.83 -7.59
C ASP A 4 7.94 -4.70 -6.98
N GLN A 5 6.63 -4.81 -7.19
CA GLN A 5 5.82 -3.69 -6.71
C GLN A 5 5.22 -4.04 -5.33
N CYS A 6 5.39 -5.30 -4.93
CA CYS A 6 4.69 -5.66 -3.68
C CYS A 6 5.64 -6.27 -2.66
N GLU A 7 6.76 -6.83 -3.13
CA GLU A 7 7.63 -7.44 -2.09
C GLU A 7 8.22 -6.34 -1.18
N GLY A 8 8.17 -5.08 -1.65
CA GLY A 8 8.74 -4.04 -0.78
C GLY A 8 7.70 -3.49 0.16
N HIS A 9 6.82 -4.41 0.60
CA HIS A 9 5.79 -3.98 1.51
C HIS A 9 5.71 -2.42 1.54
N PRO A 10 4.90 -1.84 0.64
CA PRO A 10 4.84 -0.42 0.47
C PRO A 10 3.77 0.17 1.41
N CYS A 11 2.64 -0.52 1.48
CA CYS A 11 1.57 0.09 2.28
C CYS A 11 1.78 -0.22 3.77
N LEU A 12 2.04 0.82 4.54
CA LEU A 12 2.24 0.51 5.97
C LEU A 12 0.87 0.20 6.68
N ASN A 13 0.99 -0.17 7.96
CA ASN A 13 -0.27 -0.23 8.77
C ASN A 13 -1.21 -1.25 8.19
N GLN A 14 -0.71 -2.45 7.95
CA GLN A 14 -1.63 -3.45 7.57
C GLN A 14 -2.50 -2.98 6.37
N GLY A 15 -1.98 -2.10 5.53
CA GLY A 15 -2.86 -1.78 4.32
C GLY A 15 -2.80 -2.90 3.32
N HIS A 16 -2.98 -2.54 2.06
CA HIS A 16 -2.96 -3.66 1.08
C HIS A 16 -2.25 -3.19 -0.16
N CYS A 17 -1.35 -4.06 -0.67
CA CYS A 17 -0.70 -3.67 -1.92
C CYS A 17 -1.11 -4.61 -3.06
N LYS A 18 -1.59 -4.04 -4.18
CA LYS A 18 -1.97 -4.93 -5.29
C LYS A 18 -0.82 -4.97 -6.26
N ASP A 19 -1.08 -5.46 -7.45
CA ASP A 19 0.02 -5.56 -8.36
C ASP A 19 -0.50 -5.45 -9.79
N GLY A 20 0.23 -4.69 -10.60
CA GLY A 20 -0.31 -4.56 -11.94
C GLY A 20 0.67 -3.76 -12.80
N ILE A 21 0.37 -2.46 -12.86
CA ILE A 21 1.31 -1.61 -13.64
C ILE A 21 2.74 -1.62 -13.00
N GLY A 22 3.70 -0.93 -13.64
CA GLY A 22 5.01 -0.90 -12.94
C GLY A 22 4.85 -0.42 -11.48
N ASP A 23 3.71 0.22 -11.26
CA ASP A 23 3.43 0.60 -9.86
C ASP A 23 2.25 -0.21 -9.39
N TYR A 24 2.31 -0.53 -8.11
CA TYR A 24 1.15 -1.22 -7.56
C TYR A 24 0.09 -0.16 -7.15
N THR A 25 -0.89 -0.61 -6.36
CA THR A 25 -1.83 0.43 -5.88
C THR A 25 -2.12 0.16 -4.41
N CYS A 26 -2.11 1.25 -3.60
CA CYS A 26 -2.26 0.95 -2.17
C CYS A 26 -3.72 1.10 -1.73
N THR A 27 -4.07 0.39 -0.66
CA THR A 27 -5.43 0.67 -0.10
C THR A 27 -5.33 0.78 1.41
N CYS A 28 -5.92 1.87 1.96
CA CYS A 28 -5.81 1.96 3.43
C CYS A 28 -7.16 1.65 4.05
N ALA A 29 -7.12 0.98 5.16
CA ALA A 29 -8.37 0.71 5.80
C ALA A 29 -8.89 1.99 6.43
N GLU A 30 -10.11 1.94 6.91
CA GLU A 30 -10.58 3.12 7.57
C GLU A 30 -9.64 3.54 8.69
N GLY A 31 -9.52 4.87 8.89
CA GLY A 31 -8.57 5.24 9.95
C GLY A 31 -7.14 5.18 9.45
N PHE A 32 -7.01 4.98 8.13
CA PHE A 32 -5.62 5.13 7.63
C PHE A 32 -5.61 5.93 6.32
N GLU A 33 -4.61 6.78 6.20
CA GLU A 33 -4.57 7.57 4.95
C GLU A 33 -3.11 7.81 4.59
N GLY A 34 -2.88 8.75 3.66
CA GLY A 34 -1.49 8.78 3.18
C GLY A 34 -1.29 7.69 2.12
N LYS A 35 -0.15 7.81 1.42
CA LYS A 35 0.07 6.80 0.35
C LYS A 35 0.30 5.45 1.01
N ASN A 36 0.94 5.52 2.17
CA ASN A 36 1.20 4.24 2.83
C ASN A 36 0.08 3.84 3.75
N CYS A 37 -0.91 4.73 3.91
CA CYS A 37 -1.81 4.44 5.03
C CYS A 37 -1.04 4.75 6.35
N GLU A 38 0.08 5.51 6.19
CA GLU A 38 0.91 5.77 7.36
C GLU A 38 0.07 6.47 8.44
N PHE A 39 -0.92 7.28 7.98
CA PHE A 39 -1.69 8.00 9.01
C PHE A 39 -2.72 7.13 9.65
N SER A 40 -3.23 7.59 10.78
CA SER A 40 -4.33 6.83 11.34
C SER A 40 -5.49 7.79 11.58
N THR A 41 -5.66 8.75 10.64
CA THR A 41 -6.73 9.79 10.85
C THR A 41 -6.66 10.33 12.28
N ARG A 42 -5.48 10.18 12.84
CA ARG A 42 -5.30 10.76 14.23
C ARG A 42 -6.56 10.38 15.09
O OH B . -0.17 -7.86 -8.88
HO OH B . 0.05 -7.83 -9.81
N LYS A 1 12.23 -8.47 -15.09
CA LYS A 1 12.51 -9.73 -14.41
C LYS A 1 11.56 -9.86 -13.19
N ASP A 2 11.05 -8.74 -12.76
CA ASP A 2 10.18 -8.91 -11.59
C ASP A 2 8.86 -8.17 -11.81
N GLY A 3 7.86 -8.46 -10.96
CA GLY A 3 6.62 -7.67 -11.24
C GLY A 3 5.56 -8.01 -10.25
N ASP A 4 5.97 -7.87 -8.99
CA ASP A 4 4.95 -8.14 -7.98
C ASP A 4 4.62 -6.80 -7.28
N GLN A 5 5.61 -5.84 -7.31
CA GLN A 5 5.36 -4.56 -6.67
C GLN A 5 4.67 -4.72 -5.31
N CYS A 6 4.53 -5.97 -4.93
CA CYS A 6 3.83 -6.16 -3.64
C CYS A 6 4.82 -6.71 -2.62
N GLU A 7 5.90 -5.99 -2.47
CA GLU A 7 6.86 -6.46 -1.41
C GLU A 7 6.10 -6.95 -0.14
N GLY A 8 6.80 -7.68 0.70
CA GLY A 8 6.06 -8.08 1.93
C GLY A 8 5.50 -6.86 2.70
N HIS A 9 6.02 -5.67 2.33
CA HIS A 9 5.50 -4.52 3.02
C HIS A 9 6.05 -3.22 2.40
N PRO A 10 5.30 -2.63 1.41
CA PRO A 10 5.74 -1.37 0.79
C PRO A 10 4.96 -0.20 1.44
N CYS A 11 3.68 -0.42 1.65
CA CYS A 11 2.93 0.67 2.25
C CYS A 11 3.15 0.66 3.76
N LEU A 12 2.71 1.75 4.42
CA LEU A 12 2.92 1.72 5.89
C LEU A 12 1.63 1.29 6.59
N ASN A 13 1.77 1.18 7.91
CA ASN A 13 0.52 0.89 8.70
C ASN A 13 -0.14 -0.40 8.19
N GLN A 14 0.67 -1.44 7.94
CA GLN A 14 0.09 -2.66 7.59
C GLN A 14 -0.90 -2.47 6.45
N GLY A 15 -0.67 -1.47 5.61
CA GLY A 15 -1.68 -1.37 4.54
C GLY A 15 -1.53 -2.50 3.54
N HIS A 16 -2.22 -2.34 2.43
CA HIS A 16 -2.22 -3.49 1.48
C HIS A 16 -1.62 -3.07 0.15
N CYS A 17 -1.30 -4.06 -0.67
CA CYS A 17 -0.71 -3.64 -1.97
C CYS A 17 -1.19 -4.58 -3.05
N LYS A 18 -1.68 -4.00 -4.12
CA LYS A 18 -2.15 -4.93 -5.19
C LYS A 18 -1.07 -4.95 -6.32
N ASP A 19 -1.52 -4.82 -7.58
CA ASP A 19 -0.48 -4.92 -8.61
C ASP A 19 -0.81 -3.97 -9.77
N GLY A 20 0.21 -3.58 -10.50
CA GLY A 20 -0.13 -2.67 -11.62
C GLY A 20 1.13 -2.33 -12.36
N ILE A 21 0.98 -2.26 -13.68
CA ILE A 21 2.23 -1.98 -14.39
C ILE A 21 2.84 -0.65 -13.93
N GLY A 22 4.16 -0.67 -13.73
CA GLY A 22 4.76 0.61 -13.36
C GLY A 22 4.65 0.83 -11.89
N ASP A 23 3.51 0.41 -11.36
CA ASP A 23 3.30 0.70 -9.96
C ASP A 23 2.11 -0.12 -9.45
N TYR A 24 2.21 -0.51 -8.20
CA TYR A 24 1.04 -1.21 -7.63
C TYR A 24 0.07 -0.15 -7.11
N THR A 25 -0.92 -0.60 -6.33
CA THR A 25 -1.74 0.49 -5.72
C THR A 25 -1.95 0.19 -4.25
N CYS A 26 -1.94 1.24 -3.44
CA CYS A 26 -2.06 0.94 -2.02
C CYS A 26 -3.52 0.93 -1.61
N THR A 27 -3.86 0.05 -0.67
CA THR A 27 -5.23 0.17 -0.15
C THR A 27 -5.14 0.27 1.38
N CYS A 28 -5.58 1.41 1.91
CA CYS A 28 -5.44 1.54 3.36
C CYS A 28 -6.69 0.98 4.06
N ALA A 29 -6.47 0.35 5.21
CA ALA A 29 -7.62 -0.15 5.90
C ALA A 29 -8.42 1.00 6.54
N GLU A 30 -9.58 0.69 7.05
CA GLU A 30 -10.32 1.78 7.68
C GLU A 30 -9.46 2.45 8.76
N GLY A 31 -9.48 3.78 8.84
CA GLY A 31 -8.60 4.37 9.88
C GLY A 31 -7.17 4.51 9.38
N PHE A 32 -7.04 4.41 8.05
CA PHE A 32 -5.72 4.76 7.51
C PHE A 32 -5.91 5.46 6.14
N GLU A 33 -5.05 6.41 5.87
CA GLU A 33 -5.25 7.13 4.60
C GLU A 33 -3.89 7.56 4.04
N GLY A 34 -3.91 8.25 2.91
CA GLY A 34 -2.59 8.62 2.38
C GLY A 34 -2.14 7.56 1.39
N LYS A 35 -0.99 7.87 0.75
CA LYS A 35 -0.52 6.89 -0.22
C LYS A 35 -0.05 5.65 0.50
N ASN A 36 0.76 5.87 1.51
CA ASN A 36 1.21 4.72 2.23
C ASN A 36 0.16 4.27 3.26
N CYS A 37 -0.91 5.06 3.38
CA CYS A 37 -1.75 4.81 4.59
C CYS A 37 -1.02 5.36 5.81
N GLU A 38 -0.19 6.38 5.58
CA GLU A 38 0.56 6.90 6.72
C GLU A 38 -0.41 7.44 7.75
N PHE A 39 -1.62 7.79 7.32
CA PHE A 39 -2.48 8.43 8.32
C PHE A 39 -3.17 7.37 9.12
N SER A 40 -3.72 7.80 10.24
CA SER A 40 -4.61 6.84 10.92
C SER A 40 -5.93 7.54 11.20
N THR A 41 -6.33 8.40 10.25
CA THR A 41 -7.53 9.23 10.53
C THR A 41 -7.50 9.79 11.95
N ARG A 42 -6.30 9.74 12.52
CA ARG A 42 -6.26 10.23 13.88
C ARG A 42 -6.52 11.78 13.86
O OH B . -1.64 -6.48 -9.92
HO OH B . -1.46 -6.16 -10.81
N LYS A 1 4.29 -9.74 -14.13
CA LYS A 1 3.87 -10.13 -12.80
C LYS A 1 5.03 -10.05 -11.80
N ASP A 2 6.22 -9.97 -12.30
CA ASP A 2 7.36 -9.87 -11.33
C ASP A 2 7.81 -8.41 -11.35
N GLY A 3 8.16 -7.84 -10.15
CA GLY A 3 8.63 -6.47 -10.23
C GLY A 3 9.26 -6.05 -8.92
N ASP A 4 8.57 -5.03 -8.39
CA ASP A 4 8.98 -4.63 -7.06
C ASP A 4 7.90 -3.74 -6.51
N GLN A 5 6.69 -4.02 -6.98
CA GLN A 5 5.66 -3.01 -6.69
C GLN A 5 4.97 -3.36 -5.32
N CYS A 6 5.23 -4.56 -4.81
CA CYS A 6 4.49 -4.93 -3.58
C CYS A 6 5.18 -6.12 -2.90
N GLU A 7 6.41 -6.39 -3.32
CA GLU A 7 7.06 -7.59 -2.68
C GLU A 7 7.58 -7.17 -1.28
N GLY A 8 7.64 -5.86 -1.05
CA GLY A 8 8.22 -5.49 0.23
C GLY A 8 7.18 -4.78 1.10
N HIS A 9 5.92 -5.11 0.81
CA HIS A 9 4.86 -4.42 1.61
C HIS A 9 5.22 -2.95 1.84
N PRO A 10 4.76 -2.07 0.94
CA PRO A 10 5.11 -0.63 1.01
C PRO A 10 4.05 0.12 1.83
N CYS A 11 2.82 -0.35 1.76
CA CYS A 11 1.78 0.43 2.50
C CYS A 11 1.87 0.17 4.01
N LEU A 12 2.03 1.26 4.78
CA LEU A 12 2.14 1.04 6.21
C LEU A 12 0.73 0.73 6.80
N ASN A 13 0.74 0.42 8.11
CA ASN A 13 -0.57 0.28 8.81
C ASN A 13 -1.30 -0.87 8.21
N GLN A 14 -0.51 -1.95 7.92
CA GLN A 14 -1.21 -3.11 7.45
C GLN A 14 -2.25 -2.71 6.37
N GLY A 15 -1.92 -1.74 5.54
CA GLY A 15 -2.88 -1.57 4.41
C GLY A 15 -2.81 -2.80 3.46
N HIS A 16 -2.79 -2.52 2.15
CA HIS A 16 -2.71 -3.73 1.25
C HIS A 16 -2.17 -3.27 -0.12
N CYS A 17 -2.13 -4.22 -1.08
CA CYS A 17 -1.57 -3.75 -2.39
C CYS A 17 -2.13 -4.65 -3.50
N LYS A 18 -2.70 -4.02 -4.55
CA LYS A 18 -3.26 -4.93 -5.58
C LYS A 18 -2.20 -5.27 -6.61
N ASP A 19 -1.17 -4.42 -6.71
CA ASP A 19 -0.12 -4.71 -7.72
C ASP A 19 -0.72 -4.66 -9.14
N GLY A 20 0.10 -4.21 -10.08
CA GLY A 20 -0.48 -4.15 -11.43
C GLY A 20 0.60 -3.75 -12.42
N ILE A 21 0.53 -2.45 -12.77
CA ILE A 21 1.62 -1.97 -13.57
C ILE A 21 2.90 -1.90 -12.75
N GLY A 22 4.01 -1.50 -13.38
CA GLY A 22 5.20 -1.33 -12.52
C GLY A 22 4.84 -0.48 -11.31
N ASP A 23 3.78 0.32 -11.47
CA ASP A 23 3.34 1.06 -10.32
C ASP A 23 2.16 0.31 -9.68
N TYR A 24 2.24 0.15 -8.37
CA TYR A 24 1.12 -0.62 -7.76
C TYR A 24 0.00 0.35 -7.34
N THR A 25 -1.00 -0.22 -6.66
CA THR A 25 -1.93 0.69 -6.02
C THR A 25 -2.00 0.38 -4.53
N CYS A 26 -1.93 1.42 -3.72
CA CYS A 26 -1.79 1.09 -2.27
C CYS A 26 -3.14 1.27 -1.57
N THR A 27 -3.50 0.23 -0.86
CA THR A 27 -4.69 0.44 0.00
C THR A 27 -4.15 0.72 1.44
N CYS A 28 -5.05 1.14 2.34
CA CYS A 28 -4.49 1.60 3.61
C CYS A 28 -5.04 0.82 4.77
N ALA A 29 -6.34 0.65 4.73
CA ALA A 29 -7.02 -0.09 5.77
C ALA A 29 -7.97 0.85 6.52
N GLU A 30 -8.92 0.23 7.25
CA GLU A 30 -9.90 1.11 7.88
C GLU A 30 -9.21 2.18 8.74
N GLY A 31 -9.41 3.47 8.41
CA GLY A 31 -8.75 4.45 9.34
C GLY A 31 -7.33 4.67 8.99
N PHE A 32 -7.04 4.52 7.70
CA PHE A 32 -5.70 4.95 7.33
C PHE A 32 -5.74 5.62 5.96
N GLU A 33 -4.81 6.52 5.74
CA GLU A 33 -4.82 7.13 4.39
C GLU A 33 -3.41 7.60 4.06
N GLY A 34 -3.24 8.25 2.88
CA GLY A 34 -1.87 8.74 2.64
C GLY A 34 -1.12 7.82 1.68
N LYS A 35 0.08 8.27 1.38
CA LYS A 35 0.89 7.43 0.46
C LYS A 35 1.06 6.06 1.02
N ASN A 36 1.72 6.03 2.14
CA ASN A 36 1.87 4.73 2.76
C ASN A 36 0.63 4.33 3.48
N CYS A 37 -0.16 5.32 3.78
CA CYS A 37 -1.26 5.04 4.72
C CYS A 37 -0.77 5.38 6.12
N GLU A 38 0.19 6.33 6.16
CA GLU A 38 0.76 6.64 7.45
C GLU A 38 -0.38 7.25 8.40
N PHE A 39 -1.45 7.74 7.79
CA PHE A 39 -2.44 8.43 8.64
C PHE A 39 -3.31 7.41 9.41
N SER A 40 -4.17 7.95 10.26
CA SER A 40 -5.15 7.03 10.88
C SER A 40 -6.52 7.67 10.81
N THR A 41 -6.71 8.50 9.80
CA THR A 41 -7.99 9.30 9.77
C THR A 41 -8.28 9.93 11.15
N ARG A 42 -7.31 9.78 12.05
CA ARG A 42 -7.50 10.43 13.35
C ARG A 42 -8.91 10.06 13.92
O OH B . -0.44 -7.06 -8.04
HO OH B . -0.39 -7.01 -8.97
N LYS A 1 12.72 -13.77 -11.37
CA LYS A 1 11.42 -12.96 -11.53
C LYS A 1 11.66 -11.74 -10.72
N ASP A 2 11.85 -10.64 -11.42
CA ASP A 2 12.12 -9.41 -10.57
C ASP A 2 10.81 -8.66 -10.40
N GLY A 3 10.41 -8.59 -9.11
CA GLY A 3 9.12 -7.81 -8.94
C GLY A 3 8.67 -7.90 -7.48
N ASP A 4 8.95 -6.83 -6.81
CA ASP A 4 8.43 -6.78 -5.41
C ASP A 4 7.49 -5.59 -5.24
N GLN A 5 6.36 -5.68 -5.93
CA GLN A 5 5.48 -4.51 -5.83
C GLN A 5 4.54 -4.69 -4.65
N CYS A 6 4.59 -5.85 -4.06
CA CYS A 6 3.72 -5.98 -2.85
C CYS A 6 4.42 -6.88 -1.82
N GLU A 7 5.37 -7.73 -2.28
CA GLU A 7 5.97 -8.62 -1.29
C GLU A 7 6.99 -7.86 -0.49
N GLY A 8 7.39 -6.70 -1.01
CA GLY A 8 8.40 -5.99 -0.22
C GLY A 8 7.74 -5.09 0.83
N HIS A 9 6.44 -5.34 1.03
CA HIS A 9 5.76 -4.51 2.02
C HIS A 9 6.19 -3.02 1.86
N PRO A 10 5.54 -2.30 0.91
CA PRO A 10 5.88 -0.89 0.64
C PRO A 10 4.95 0.05 1.42
N CYS A 11 3.65 -0.29 1.42
CA CYS A 11 2.74 0.66 2.10
C CYS A 11 2.84 0.47 3.63
N LEU A 12 2.41 1.48 4.38
CA LEU A 12 2.58 1.33 5.84
C LEU A 12 1.26 0.94 6.51
N ASN A 13 1.37 0.70 7.81
CA ASN A 13 0.09 0.40 8.58
C ASN A 13 -0.64 -0.79 7.93
N GLN A 14 0.15 -1.80 7.47
CA GLN A 14 -0.48 -2.95 6.92
C GLN A 14 -1.39 -2.56 5.75
N GLY A 15 -1.09 -1.44 5.11
CA GLY A 15 -1.91 -1.17 3.97
C GLY A 15 -1.64 -2.20 2.91
N HIS A 16 -2.74 -2.63 2.37
CA HIS A 16 -2.61 -3.70 1.37
C HIS A 16 -2.15 -3.08 0.05
N CYS A 17 -1.97 -3.95 -0.96
CA CYS A 17 -1.53 -3.34 -2.22
C CYS A 17 -1.97 -4.25 -3.36
N LYS A 18 -2.47 -3.64 -4.44
CA LYS A 18 -2.85 -4.53 -5.57
C LYS A 18 -1.77 -4.44 -6.63
N ASP A 19 -1.27 -5.61 -7.07
CA ASP A 19 -0.11 -5.50 -8.01
C ASP A 19 -0.58 -5.04 -9.35
N GLY A 20 0.29 -4.32 -10.05
CA GLY A 20 -0.14 -3.93 -11.40
C GLY A 20 1.08 -3.39 -12.16
N ILE A 21 0.94 -3.35 -13.47
CA ILE A 21 2.04 -2.81 -14.23
C ILE A 21 2.30 -1.35 -13.76
N GLY A 22 3.54 -0.97 -13.73
CA GLY A 22 3.75 0.43 -13.35
C GLY A 22 3.40 0.67 -11.87
N ASP A 23 4.26 0.10 -11.04
CA ASP A 23 4.04 0.31 -9.58
C ASP A 23 2.76 -0.43 -9.15
N TYR A 24 2.74 -0.78 -7.87
CA TYR A 24 1.51 -1.40 -7.34
C TYR A 24 0.56 -0.27 -6.99
N THR A 25 -0.47 -0.62 -6.20
CA THR A 25 -1.31 0.51 -5.69
C THR A 25 -1.57 0.29 -4.23
N CYS A 26 -1.77 1.38 -3.51
CA CYS A 26 -1.91 1.18 -2.06
C CYS A 26 -3.40 1.10 -1.67
N THR A 27 -3.65 0.42 -0.56
CA THR A 27 -5.08 0.43 -0.12
C THR A 27 -5.12 0.51 1.41
N CYS A 28 -5.63 1.64 1.92
CA CYS A 28 -5.53 1.77 3.41
C CYS A 28 -6.79 1.16 4.03
N ALA A 29 -6.58 0.46 5.14
CA ALA A 29 -7.76 -0.07 5.77
C ALA A 29 -8.58 1.04 6.42
N GLU A 30 -9.80 0.70 6.85
CA GLU A 30 -10.56 1.77 7.52
C GLU A 30 -9.73 2.36 8.69
N GLY A 31 -9.60 3.70 8.70
CA GLY A 31 -8.77 4.20 9.81
C GLY A 31 -7.33 4.28 9.43
N PHE A 32 -7.08 4.26 8.10
CA PHE A 32 -5.76 4.76 7.70
C PHE A 32 -5.83 5.58 6.46
N GLU A 33 -5.04 6.61 6.44
CA GLU A 33 -4.93 7.30 5.13
C GLU A 33 -3.48 7.78 4.93
N GLY A 34 -3.33 8.91 4.27
CA GLY A 34 -1.88 9.36 4.12
C GLY A 34 -1.27 8.57 2.93
N LYS A 35 -0.16 9.08 2.48
CA LYS A 35 0.39 8.44 1.23
C LYS A 35 0.58 6.97 1.42
N ASN A 36 1.24 6.63 2.48
CA ASN A 36 1.49 5.19 2.69
C ASN A 36 0.35 4.58 3.49
N CYS A 37 -0.82 5.13 3.36
CA CYS A 37 -1.80 4.73 4.42
C CYS A 37 -1.17 5.10 5.76
N GLU A 38 -0.19 6.03 5.66
CA GLU A 38 0.49 6.43 6.87
C GLU A 38 -0.52 6.77 7.99
N PHE A 39 -1.48 7.65 7.72
CA PHE A 39 -2.11 8.12 8.83
C PHE A 39 -3.34 7.29 9.08
N SER A 40 -4.01 7.54 10.18
CA SER A 40 -5.16 6.65 10.42
C SER A 40 -6.41 7.26 9.72
N THR A 41 -6.86 8.34 10.22
CA THR A 41 -8.06 9.00 9.60
C THR A 41 -8.35 10.26 10.36
N ARG A 42 -8.39 10.17 11.68
CA ARG A 42 -8.67 11.39 12.40
C ARG A 42 -7.48 12.37 12.19
O OH B . -0.56 -7.76 -8.52
HO OH B . -0.74 -7.63 -9.44
N LYS A 1 8.58 -13.68 -14.14
CA LYS A 1 8.44 -12.56 -13.13
C LYS A 1 6.92 -12.39 -12.98
N ASP A 2 6.57 -12.43 -11.67
CA ASP A 2 5.14 -12.10 -11.43
C ASP A 2 5.00 -10.64 -10.96
N GLY A 3 5.55 -10.35 -9.70
CA GLY A 3 5.26 -9.09 -9.27
C GLY A 3 5.93 -8.75 -7.94
N ASP A 4 7.00 -7.95 -8.03
CA ASP A 4 7.71 -7.58 -6.79
C ASP A 4 7.23 -6.13 -6.34
N GLN A 5 6.00 -5.78 -6.76
CA GLN A 5 5.53 -4.49 -6.33
C GLN A 5 4.91 -4.61 -4.90
N CYS A 6 4.60 -5.84 -4.51
CA CYS A 6 4.05 -5.95 -3.14
C CYS A 6 4.90 -6.88 -2.31
N GLU A 7 5.89 -7.47 -2.96
CA GLU A 7 6.67 -8.43 -2.16
C GLU A 7 7.55 -7.69 -1.22
N GLY A 8 7.84 -6.44 -1.56
CA GLY A 8 8.75 -5.75 -0.60
C GLY A 8 7.98 -5.03 0.55
N HIS A 9 6.65 -5.30 0.55
CA HIS A 9 5.85 -4.64 1.63
C HIS A 9 6.14 -3.11 1.66
N PRO A 10 5.42 -2.32 0.83
CA PRO A 10 5.76 -0.93 0.68
C PRO A 10 4.85 -0.06 1.57
N CYS A 11 3.54 -0.37 1.51
CA CYS A 11 2.65 0.58 2.20
C CYS A 11 2.73 0.38 3.72
N LEU A 12 2.21 1.34 4.44
CA LEU A 12 2.31 1.20 5.91
C LEU A 12 0.97 0.75 6.53
N ASN A 13 1.05 0.50 7.86
CA ASN A 13 -0.26 0.18 8.58
C ASN A 13 -1.01 -0.93 7.84
N GLN A 14 -0.32 -2.04 7.58
CA GLN A 14 -1.02 -3.15 6.99
C GLN A 14 -1.79 -2.69 5.69
N GLY A 15 -1.30 -1.64 5.04
CA GLY A 15 -2.01 -1.28 3.81
C GLY A 15 -1.81 -2.37 2.75
N HIS A 16 -2.94 -2.79 2.27
CA HIS A 16 -2.88 -3.91 1.33
C HIS A 16 -2.52 -3.40 -0.07
N CYS A 17 -1.28 -3.59 -0.44
CA CYS A 17 -0.93 -3.11 -1.78
C CYS A 17 -1.43 -4.10 -2.83
N LYS A 18 -2.25 -3.61 -3.76
CA LYS A 18 -2.63 -4.57 -4.85
C LYS A 18 -1.64 -4.40 -6.00
N ASP A 19 -1.44 -5.46 -6.77
CA ASP A 19 -0.36 -5.34 -7.73
C ASP A 19 -0.84 -4.62 -9.02
N GLY A 20 0.03 -3.79 -9.57
CA GLY A 20 -0.37 -3.21 -10.86
C GLY A 20 0.89 -2.95 -11.70
N ILE A 21 0.65 -2.79 -13.00
CA ILE A 21 1.83 -2.70 -13.83
C ILE A 21 2.56 -1.42 -13.52
N GLY A 22 3.88 -1.54 -13.46
CA GLY A 22 4.61 -0.27 -13.17
C GLY A 22 4.57 0.09 -11.68
N ASP A 23 3.40 -0.20 -11.11
CA ASP A 23 3.19 0.34 -9.73
C ASP A 23 2.06 -0.40 -9.08
N TYR A 24 2.23 -0.71 -7.80
CA TYR A 24 1.10 -1.33 -7.15
C TYR A 24 0.08 -0.23 -6.80
N THR A 25 -0.84 -0.57 -5.91
CA THR A 25 -1.69 0.55 -5.42
C THR A 25 -1.88 0.40 -3.93
N CYS A 26 -1.85 1.52 -3.23
CA CYS A 26 -1.94 1.38 -1.76
C CYS A 26 -3.42 1.32 -1.33
N THR A 27 -3.75 0.28 -0.54
CA THR A 27 -5.15 0.28 -0.06
C THR A 27 -5.13 0.40 1.46
N CYS A 28 -5.52 1.57 1.94
CA CYS A 28 -5.44 1.71 3.40
C CYS A 28 -6.65 1.04 4.04
N ALA A 29 -6.40 0.35 5.16
CA ALA A 29 -7.56 -0.27 5.76
C ALA A 29 -8.41 0.78 6.42
N GLU A 30 -9.68 0.45 6.65
CA GLU A 30 -10.53 1.52 7.22
C GLU A 30 -9.82 2.21 8.40
N GLY A 31 -9.54 3.51 8.24
CA GLY A 31 -8.92 4.16 9.43
C GLY A 31 -7.48 4.57 9.14
N PHE A 32 -7.06 4.41 7.87
CA PHE A 32 -5.70 4.89 7.56
C PHE A 32 -5.72 5.56 6.23
N GLU A 33 -4.81 6.50 6.08
CA GLU A 33 -4.71 7.10 4.72
C GLU A 33 -3.27 7.67 4.51
N GLY A 34 -3.13 8.68 3.69
CA GLY A 34 -1.74 9.18 3.53
C GLY A 34 -1.10 8.47 2.36
N LYS A 35 0.09 8.89 2.05
CA LYS A 35 0.68 8.29 0.85
C LYS A 35 0.86 6.80 1.05
N ASN A 36 1.23 6.43 2.25
CA ASN A 36 1.45 5.01 2.48
C ASN A 36 0.28 4.39 3.22
N CYS A 37 -0.90 4.97 3.09
CA CYS A 37 -1.92 4.54 4.10
C CYS A 37 -1.34 4.81 5.49
N GLU A 38 -0.52 5.86 5.52
CA GLU A 38 0.10 6.17 6.82
C GLU A 38 -0.96 6.58 7.90
N PHE A 39 -1.87 7.55 7.58
CA PHE A 39 -2.28 8.31 8.65
C PHE A 39 -3.60 7.73 9.26
N SER A 40 -3.62 7.66 10.60
CA SER A 40 -4.84 7.07 11.19
C SER A 40 -6.00 8.09 11.14
N THR A 41 -6.80 8.00 10.11
CA THR A 41 -7.89 9.02 10.04
C THR A 41 -8.98 8.69 11.12
N ARG A 42 -9.07 7.43 11.49
CA ARG A 42 -10.05 7.15 12.54
C ARG A 42 -9.77 8.00 13.80
O OH B . -1.14 -7.40 -8.55
HO OH B . -1.46 -6.97 -9.34
N LYS A 1 9.21 -7.66 -16.74
CA LYS A 1 8.43 -8.87 -16.80
C LYS A 1 8.04 -9.29 -15.30
N ASP A 2 9.03 -9.62 -14.54
CA ASP A 2 8.59 -9.89 -13.15
C ASP A 2 8.21 -8.59 -12.40
N GLY A 3 7.20 -8.71 -11.51
CA GLY A 3 6.88 -7.48 -10.82
C GLY A 3 5.65 -7.64 -9.95
N ASP A 4 5.92 -7.86 -8.65
CA ASP A 4 4.76 -7.89 -7.76
C ASP A 4 4.59 -6.52 -7.08
N GLN A 5 5.57 -5.63 -7.30
CA GLN A 5 5.43 -4.30 -6.71
C GLN A 5 4.89 -4.37 -5.25
N CYS A 6 4.78 -5.57 -4.75
CA CYS A 6 4.32 -5.69 -3.39
C CYS A 6 5.40 -6.28 -2.52
N GLU A 7 6.55 -6.49 -3.10
CA GLU A 7 7.60 -7.11 -2.28
C GLU A 7 8.13 -6.06 -1.25
N GLY A 8 8.45 -6.56 -0.06
CA GLY A 8 9.02 -5.57 0.87
C GLY A 8 7.92 -4.94 1.76
N HIS A 9 6.66 -5.33 1.44
CA HIS A 9 5.58 -4.66 2.18
C HIS A 9 5.82 -3.14 2.16
N PRO A 10 5.25 -2.45 1.15
CA PRO A 10 5.54 -1.01 0.96
C PRO A 10 4.46 -0.17 1.66
N CYS A 11 3.23 -0.67 1.65
CA CYS A 11 2.20 0.20 2.26
C CYS A 11 2.25 0.01 3.79
N LEU A 12 1.95 1.10 4.52
CA LEU A 12 2.10 0.96 5.97
C LEU A 12 0.72 0.64 6.61
N ASN A 13 0.79 0.40 7.92
CA ASN A 13 -0.49 0.13 8.68
C ASN A 13 -1.17 -1.07 8.01
N GLN A 14 -0.40 -2.12 7.74
CA GLN A 14 -1.01 -3.32 7.23
C GLN A 14 -1.88 -2.99 6.05
N GLY A 15 -1.47 -1.99 5.29
CA GLY A 15 -2.33 -1.73 4.13
C GLY A 15 -2.22 -2.90 3.12
N HIS A 16 -2.76 -2.64 1.96
CA HIS A 16 -2.73 -3.76 0.99
C HIS A 16 -2.20 -3.26 -0.35
N CYS A 17 -1.09 -3.85 -0.82
CA CYS A 17 -0.59 -3.32 -2.11
C CYS A 17 -0.93 -4.33 -3.23
N LYS A 18 -1.76 -3.87 -4.19
CA LYS A 18 -2.16 -4.84 -5.23
C LYS A 18 -1.28 -4.60 -6.43
N ASP A 19 -1.00 -5.67 -7.16
CA ASP A 19 -0.05 -5.46 -8.26
C ASP A 19 -0.84 -5.17 -9.56
N GLY A 20 -0.21 -4.38 -10.42
CA GLY A 20 -0.90 -4.16 -11.69
C GLY A 20 0.05 -3.52 -12.68
N ILE A 21 -0.06 -2.18 -12.71
CA ILE A 21 0.86 -1.51 -13.57
C ILE A 21 2.25 -1.61 -12.98
N GLY A 22 3.20 -0.92 -13.61
CA GLY A 22 4.55 -1.02 -12.97
C GLY A 22 4.53 -0.44 -11.58
N ASP A 23 3.36 0.13 -11.25
CA ASP A 23 3.23 0.54 -9.88
C ASP A 23 1.98 -0.16 -9.31
N TYR A 24 2.10 -0.45 -8.02
CA TYR A 24 0.94 -1.13 -7.42
C TYR A 24 -0.05 -0.06 -7.00
N THR A 25 -1.00 -0.46 -6.16
CA THR A 25 -1.88 0.62 -5.60
C THR A 25 -2.06 0.39 -4.12
N CYS A 26 -1.93 1.47 -3.33
CA CYS A 26 -2.01 1.21 -1.89
C CYS A 26 -3.48 1.23 -1.48
N THR A 27 -3.86 0.31 -0.59
CA THR A 27 -5.22 0.42 -0.10
C THR A 27 -5.22 0.56 1.44
N CYS A 28 -5.58 1.73 1.94
CA CYS A 28 -5.47 1.84 3.42
C CYS A 28 -6.70 1.25 4.06
N ALA A 29 -6.50 0.55 5.17
CA ALA A 29 -7.69 -0.03 5.76
C ALA A 29 -8.58 1.06 6.32
N GLU A 30 -9.84 0.71 6.60
CA GLU A 30 -10.69 1.76 7.15
C GLU A 30 -9.96 2.42 8.34
N GLY A 31 -9.52 3.68 8.14
CA GLY A 31 -8.89 4.30 9.29
C GLY A 31 -7.39 4.62 9.03
N PHE A 32 -7.01 4.58 7.75
CA PHE A 32 -5.60 5.00 7.49
C PHE A 32 -5.54 5.70 6.16
N GLU A 33 -4.51 6.59 6.05
CA GLU A 33 -4.40 7.23 4.74
C GLU A 33 -2.96 7.73 4.58
N GLY A 34 -2.78 8.86 3.90
CA GLY A 34 -1.40 9.33 3.82
C GLY A 34 -0.72 8.64 2.67
N LYS A 35 0.49 9.02 2.43
CA LYS A 35 1.14 8.41 1.24
C LYS A 35 1.16 6.87 1.36
N ASN A 36 1.36 6.41 2.55
CA ASN A 36 1.54 4.94 2.67
C ASN A 36 0.31 4.29 3.29
N CYS A 37 -0.82 4.95 3.22
CA CYS A 37 -1.85 4.52 4.19
C CYS A 37 -1.28 4.78 5.60
N GLU A 38 -0.37 5.72 5.64
CA GLU A 38 0.23 5.99 6.92
C GLU A 38 -0.83 6.41 7.95
N PHE A 39 -1.63 7.43 7.66
CA PHE A 39 -2.03 8.13 8.79
C PHE A 39 -3.36 7.64 9.34
N SER A 40 -3.33 7.37 10.63
CA SER A 40 -4.62 6.87 11.20
C SER A 40 -5.63 8.02 11.32
N THR A 41 -6.55 8.07 10.40
CA THR A 41 -7.57 9.12 10.59
C THR A 41 -8.03 9.17 12.05
N ARG A 42 -8.26 8.00 12.65
CA ARG A 42 -8.77 8.03 13.99
C ARG A 42 -7.68 8.53 14.94
O OH B . -0.31 -7.74 -8.68
HO OH B . -0.73 -7.91 -7.88
N LYS A 1 9.58 -14.76 -9.25
CA LYS A 1 9.16 -13.43 -8.85
C LYS A 1 8.21 -12.90 -9.89
N ASP A 2 7.10 -12.24 -9.43
CA ASP A 2 6.25 -11.71 -10.42
C ASP A 2 6.29 -10.19 -10.50
N GLY A 3 6.54 -9.64 -9.30
CA GLY A 3 6.61 -8.17 -9.30
C GLY A 3 6.98 -7.67 -7.87
N ASP A 4 8.15 -6.99 -7.84
CA ASP A 4 8.54 -6.48 -6.49
C ASP A 4 8.08 -5.01 -6.37
N GLN A 5 6.88 -4.74 -6.91
CA GLN A 5 6.40 -3.35 -6.80
C GLN A 5 5.83 -3.17 -5.41
N CYS A 6 5.41 -4.27 -4.78
CA CYS A 6 4.86 -4.07 -3.44
C CYS A 6 5.01 -5.36 -2.61
N GLU A 7 5.95 -6.20 -3.01
CA GLU A 7 6.10 -7.41 -2.21
C GLU A 7 6.74 -7.08 -0.88
N GLY A 8 7.32 -5.89 -0.80
CA GLY A 8 7.98 -5.61 0.46
C GLY A 8 7.00 -4.95 1.44
N HIS A 9 5.71 -5.16 1.15
CA HIS A 9 4.71 -4.51 2.05
C HIS A 9 5.06 -3.03 2.24
N PRO A 10 4.63 -2.19 1.30
CA PRO A 10 4.95 -0.77 1.35
C PRO A 10 3.89 -0.01 2.12
N CYS A 11 2.63 -0.43 1.97
CA CYS A 11 1.62 0.35 2.67
C CYS A 11 1.69 0.08 4.16
N LEU A 12 1.79 1.16 4.94
CA LEU A 12 1.85 0.90 6.41
C LEU A 12 0.45 0.73 6.96
N ASN A 13 0.41 0.40 8.24
CA ASN A 13 -0.92 0.36 8.91
C ASN A 13 -1.79 -0.72 8.30
N GLN A 14 -1.21 -1.93 8.22
CA GLN A 14 -2.08 -3.01 7.81
C GLN A 14 -2.87 -2.72 6.52
N GLY A 15 -2.38 -1.78 5.68
CA GLY A 15 -3.18 -1.63 4.43
C GLY A 15 -2.96 -2.85 3.50
N HIS A 16 -2.92 -2.56 2.21
CA HIS A 16 -2.75 -3.71 1.31
C HIS A 16 -2.07 -3.25 0.03
N CYS A 17 -1.55 -4.21 -0.74
CA CYS A 17 -0.92 -3.73 -1.98
C CYS A 17 -1.24 -4.68 -3.12
N LYS A 18 -1.29 -4.14 -4.35
CA LYS A 18 -1.53 -5.11 -5.43
C LYS A 18 -0.62 -4.75 -6.62
N ASP A 19 0.01 -5.77 -7.17
CA ASP A 19 0.98 -5.43 -8.24
C ASP A 19 0.25 -5.14 -9.57
N GLY A 20 0.88 -4.30 -10.39
CA GLY A 20 0.17 -4.10 -11.65
C GLY A 20 1.20 -3.98 -12.80
N ILE A 21 0.65 -3.71 -14.00
CA ILE A 21 1.54 -3.60 -15.11
C ILE A 21 2.10 -2.20 -15.18
N GLY A 22 2.19 -1.64 -14.04
CA GLY A 22 2.76 -0.31 -14.05
C GLY A 22 2.48 0.37 -12.72
N ASP A 23 3.40 0.09 -11.81
CA ASP A 23 3.18 0.67 -10.45
C ASP A 23 2.07 -0.09 -9.77
N TYR A 24 2.34 -0.42 -8.49
CA TYR A 24 1.31 -1.16 -7.75
C TYR A 24 0.21 -0.16 -7.30
N THR A 25 -0.69 -0.65 -6.46
CA THR A 25 -1.63 0.31 -5.89
C THR A 25 -1.69 0.14 -4.37
N CYS A 26 -1.68 1.26 -3.67
CA CYS A 26 -1.61 1.03 -2.18
C CYS A 26 -2.96 1.24 -1.55
N THR A 27 -3.38 0.24 -0.76
CA THR A 27 -4.56 0.55 0.06
C THR A 27 -4.08 0.79 1.52
N CYS A 28 -4.99 1.22 2.38
CA CYS A 28 -4.47 1.67 3.71
C CYS A 28 -5.15 0.88 4.84
N ALA A 29 -6.46 0.82 4.74
CA ALA A 29 -7.22 0.07 5.72
C ALA A 29 -8.19 1.03 6.43
N GLU A 30 -9.17 0.48 7.13
CA GLU A 30 -10.12 1.42 7.75
C GLU A 30 -9.41 2.42 8.67
N GLY A 31 -9.56 3.72 8.37
CA GLY A 31 -8.90 4.66 9.28
C GLY A 31 -7.42 4.73 9.03
N PHE A 32 -7.07 4.61 7.75
CA PHE A 32 -5.70 4.95 7.44
C PHE A 32 -5.65 5.62 6.08
N GLU A 33 -4.64 6.52 5.92
CA GLU A 33 -4.58 7.20 4.57
C GLU A 33 -3.17 7.68 4.29
N GLY A 34 -2.96 8.26 3.12
CA GLY A 34 -1.62 8.76 2.91
C GLY A 34 -0.89 7.89 1.88
N LYS A 35 0.36 8.31 1.62
CA LYS A 35 1.09 7.50 0.64
C LYS A 35 1.20 6.08 1.16
N ASN A 36 1.84 5.98 2.28
CA ASN A 36 1.91 4.65 2.89
C ASN A 36 0.60 4.31 3.61
N CYS A 37 -0.16 5.34 3.94
CA CYS A 37 -1.21 5.08 4.91
C CYS A 37 -0.66 5.36 6.33
N GLU A 38 0.32 6.27 6.38
CA GLU A 38 0.88 6.51 7.70
C GLU A 38 -0.21 7.04 8.66
N PHE A 39 -1.30 7.56 8.09
CA PHE A 39 -2.24 8.24 9.00
C PHE A 39 -3.12 7.24 9.69
N SER A 40 -3.95 7.77 10.57
CA SER A 40 -5.02 6.89 11.01
C SER A 40 -6.35 7.69 11.03
N THR A 41 -6.52 8.52 9.99
CA THR A 41 -7.72 9.44 10.03
C THR A 41 -7.87 10.02 11.42
N ARG A 42 -6.74 10.17 12.04
CA ARG A 42 -6.77 10.81 13.37
C ARG A 42 -7.60 9.92 14.35
O OH B . 0.99 -7.71 -8.88
HO OH B . 1.36 -8.56 -8.58
#